data_5F5R
#
_entry.id   5F5R
#
_cell.length_a   92.570
_cell.length_b   143.168
_cell.length_c   103.011
_cell.angle_alpha   90.000
_cell.angle_beta   90.000
_cell.angle_gamma   90.000
#
_symmetry.space_group_name_H-M   'C 2 2 21'
#
loop_
_entity.id
_entity.type
_entity.pdbx_description
1 polymer 'Heat shock protein 75 kDa, mitochondrial'
2 non-polymer 'PHOSPHOAMINOPHOSPHONIC ACID-ADENYLATE ESTER'
3 non-polymer 'MAGNESIUM ION'
4 water water
#
_entity_poly.entity_id   1
_entity_poly.type   'polypeptide(L)'
_entity_poly.pdbx_seq_one_letter_code
;AGHSTQTAEDKEEPLHSIISSTESVQGSTSKHEFQAETKKLLDIVARSLYSEKEVFIRELISNASDALEKLRHKLVSDGQ
ALPEMEIHLQTNAEKGTITIQDTGIGMTQEELVSNLGTIARSGSKAFLDALQNQAEASSKIIGQFGVGFYSAFMVADRVE
VYSRSAAPGSLGYQWLSDGSGVFEIAEASGVRTGTKIIIHLKSDCKEFSSEARVRDVVTKYSNFVSFPLYLNGRRMNT
;
_entity_poly.pdbx_strand_id   A,B
#
# COMPACT_ATOMS: atom_id res chain seq x y z
N PRO A 14 11.02 -6.97 4.46
CA PRO A 14 10.19 -7.89 3.70
C PRO A 14 9.79 -7.31 2.35
N LEU A 15 9.83 -8.14 1.31
CA LEU A 15 9.51 -7.71 -0.04
C LEU A 15 8.01 -7.63 -0.25
N HIS A 16 7.59 -6.84 -1.24
CA HIS A 16 6.21 -6.87 -1.71
C HIS A 16 6.15 -7.06 -3.23
N SER A 17 5.83 -8.28 -3.66
CA SER A 17 5.74 -8.58 -5.07
C SER A 17 4.37 -9.15 -5.43
N ILE A 18 3.87 -8.77 -6.60
CA ILE A 18 2.63 -9.34 -7.12
C ILE A 18 2.83 -10.00 -8.48
N ILE A 19 4.03 -9.84 -9.04
CA ILE A 19 4.30 -10.31 -10.39
C ILE A 19 4.72 -11.77 -10.39
N SER A 20 3.99 -12.59 -11.13
CA SER A 20 4.36 -13.99 -11.33
C SER A 20 3.62 -14.57 -12.53
N SER A 21 4.09 -15.72 -13.00
CA SER A 21 3.56 -16.31 -14.23
C SER A 21 2.28 -17.07 -13.97
N THR A 22 1.16 -16.35 -13.90
CA THR A 22 -0.13 -16.97 -13.60
C THR A 22 -0.94 -17.19 -14.88
N GLU A 23 -0.48 -16.56 -15.97
CA GLU A 23 -1.29 -16.49 -17.19
C GLU A 23 -1.05 -17.70 -18.08
N SER A 24 -2.08 -18.10 -18.81
CA SER A 24 -1.92 -19.03 -19.93
C SER A 24 -2.98 -18.79 -21.00
N VAL A 25 -2.57 -18.93 -22.25
CA VAL A 25 -3.48 -18.75 -23.38
C VAL A 25 -4.51 -19.88 -23.42
N GLN A 26 -5.78 -19.50 -23.44
CA GLN A 26 -6.87 -20.48 -23.63
C GLN A 26 -7.44 -20.40 -25.03
N GLY A 27 -7.60 -19.17 -25.53
CA GLY A 27 -8.44 -18.93 -26.70
C GLY A 27 -7.69 -19.04 -28.01
N SER A 28 -8.43 -19.09 -29.11
CA SER A 28 -7.86 -18.92 -30.43
C SER A 28 -7.07 -17.63 -30.56
N THR A 29 -6.19 -17.57 -31.55
CA THR A 29 -5.41 -16.37 -31.83
C THR A 29 -6.04 -15.58 -32.97
N SER A 30 -6.28 -14.30 -32.75
CA SER A 30 -6.64 -13.41 -33.85
C SER A 30 -5.48 -12.49 -34.23
N LYS A 31 -5.12 -12.50 -35.51
CA LYS A 31 -4.01 -11.69 -36.00
C LYS A 31 -4.50 -10.39 -36.61
N HIS A 32 -3.83 -9.30 -36.26
CA HIS A 32 -4.27 -7.96 -36.67
C HIS A 32 -3.09 -7.20 -37.28
N GLU A 33 -3.35 -6.50 -38.37
CA GLU A 33 -2.38 -5.56 -38.92
C GLU A 33 -2.46 -4.21 -38.21
N PHE A 34 -1.30 -3.70 -37.80
CA PHE A 34 -1.23 -2.32 -37.34
C PHE A 34 -1.76 -1.37 -38.40
N GLN A 35 -2.51 -0.36 -37.98
CA GLN A 35 -2.85 0.76 -38.85
C GLN A 35 -1.61 1.32 -39.54
N ALA A 36 -1.77 1.80 -40.76
CA ALA A 36 -0.64 2.22 -41.58
C ALA A 36 0.21 3.27 -40.86
N GLU A 37 -0.45 4.25 -40.24
CA GLU A 37 0.25 5.30 -39.53
C GLU A 37 1.02 4.76 -38.33
N THR A 38 0.44 3.75 -37.68
CA THR A 38 1.12 3.09 -36.57
C THR A 38 2.35 2.35 -37.04
N LYS A 39 2.23 1.61 -38.15
CA LYS A 39 3.37 0.96 -38.77
C LYS A 39 4.47 1.96 -39.10
N LYS A 40 4.07 3.13 -39.61
CA LYS A 40 5.02 4.15 -40.00
C LYS A 40 5.76 4.72 -38.80
N LEU A 41 5.03 4.95 -37.71
CA LEU A 41 5.64 5.46 -36.48
C LEU A 41 6.58 4.44 -35.86
N LEU A 42 6.16 3.18 -35.82
CA LEU A 42 7.03 2.09 -35.38
C LEU A 42 8.33 2.06 -36.17
N ASP A 43 8.17 2.09 -37.49
CA ASP A 43 9.31 2.09 -38.42
C ASP A 43 10.28 3.21 -38.09
N ILE A 44 9.74 4.43 -37.94
CA ILE A 44 10.55 5.60 -37.67
C ILE A 44 11.29 5.48 -36.33
N VAL A 45 10.59 5.00 -35.32
CA VAL A 45 11.15 4.92 -33.98
C VAL A 45 12.25 3.86 -33.91
N ALA A 46 12.00 2.72 -34.54
CA ALA A 46 12.92 1.59 -34.51
C ALA A 46 14.25 1.96 -35.15
N ARG A 47 14.21 2.76 -36.20
CA ARG A 47 15.40 3.08 -36.98
C ARG A 47 16.13 4.33 -36.46
N SER A 48 15.48 5.05 -35.54
CA SER A 48 16.00 6.33 -35.05
C SER A 48 17.33 6.12 -34.33
N LEU A 49 18.18 7.14 -34.39
CA LEU A 49 19.40 7.17 -33.58
C LEU A 49 19.14 7.67 -32.16
N TYR A 50 17.89 7.95 -31.85
CA TYR A 50 17.50 8.36 -30.50
C TYR A 50 18.18 7.50 -29.45
N SER A 51 18.84 8.13 -28.49
CA SER A 51 19.78 7.45 -27.62
C SER A 51 19.27 7.32 -26.18
N GLU A 52 18.23 8.09 -25.88
CA GLU A 52 17.70 8.15 -24.51
C GLU A 52 16.59 7.12 -24.31
N LYS A 53 16.91 5.86 -24.57
CA LYS A 53 15.90 4.81 -24.65
C LYS A 53 15.23 4.55 -23.32
N GLU A 54 15.90 4.92 -22.23
CA GLU A 54 15.40 4.66 -20.88
C GLU A 54 14.01 5.27 -20.67
N VAL A 55 13.63 6.18 -21.55
CA VAL A 55 12.35 6.89 -21.41
C VAL A 55 11.16 5.94 -21.39
N PHE A 56 11.32 4.77 -21.99
CA PHE A 56 10.23 3.80 -22.08
C PHE A 56 9.71 3.42 -20.69
N ILE A 57 10.59 3.50 -19.70
CA ILE A 57 10.22 3.13 -18.35
C ILE A 57 9.21 4.11 -17.75
N ARG A 58 9.47 5.40 -17.90
CA ARG A 58 8.48 6.37 -17.46
C ARG A 58 7.21 6.32 -18.30
N GLU A 59 7.35 6.11 -19.60
CA GLU A 59 6.18 5.99 -20.46
C GLU A 59 5.21 4.94 -19.93
N LEU A 60 5.77 3.79 -19.54
CA LEU A 60 4.95 2.69 -19.05
C LEU A 60 4.41 2.95 -17.65
N ILE A 61 5.21 3.59 -16.80
CA ILE A 61 4.76 3.95 -15.46
C ILE A 61 3.65 5.01 -15.51
N SER A 62 3.77 5.94 -16.45
CA SER A 62 2.73 6.95 -16.64
C SER A 62 1.42 6.32 -17.09
N ASN A 63 1.51 5.30 -17.95
CA ASN A 63 0.32 4.57 -18.37
C ASN A 63 -0.29 3.72 -17.26
N ALA A 64 0.56 3.12 -16.44
CA ALA A 64 0.09 2.38 -15.27
C ALA A 64 -0.65 3.34 -14.33
N SER A 65 -0.05 4.51 -14.12
CA SER A 65 -0.68 5.53 -13.27
C SER A 65 -2.04 5.94 -13.82
N ASP A 66 -2.09 6.23 -15.11
CA ASP A 66 -3.36 6.59 -15.76
C ASP A 66 -4.40 5.51 -15.49
N ALA A 67 -4.01 4.25 -15.67
CA ALA A 67 -4.94 3.14 -15.53
C ALA A 67 -5.48 3.07 -14.10
N LEU A 68 -4.62 3.32 -13.12
CA LEU A 68 -5.03 3.28 -11.73
C LEU A 68 -5.94 4.46 -11.40
N GLU A 69 -5.65 5.62 -11.98
CA GLU A 69 -6.53 6.77 -11.85
C GLU A 69 -7.91 6.51 -12.45
N LYS A 70 -7.96 5.79 -13.57
CA LYS A 70 -9.24 5.42 -14.17
C LYS A 70 -10.06 4.55 -13.23
N LEU A 71 -9.39 3.61 -12.57
CA LEU A 71 -10.07 2.74 -11.61
C LEU A 71 -10.73 3.51 -10.48
N ARG A 72 -10.09 4.59 -10.02
CA ARG A 72 -10.68 5.43 -8.99
C ARG A 72 -12.05 5.95 -9.39
N HIS A 73 -12.19 6.27 -10.67
CA HIS A 73 -13.40 6.95 -11.14
C HIS A 73 -14.63 6.05 -11.03
N LYS A 74 -14.38 4.76 -10.85
CA LYS A 74 -15.45 3.77 -10.72
C LYS A 74 -15.87 3.56 -9.28
N LEU A 75 -15.05 4.03 -8.35
CA LEU A 75 -15.29 3.79 -6.93
C LEU A 75 -16.45 4.63 -6.39
N VAL A 76 -17.34 3.98 -5.64
CA VAL A 76 -18.24 4.68 -4.75
C VAL A 76 -18.26 4.01 -3.37
N SER A 77 -18.80 4.72 -2.37
CA SER A 77 -18.75 4.26 -1.00
C SER A 77 -19.74 3.12 -0.75
N ASP A 78 -19.65 2.07 -1.56
CA ASP A 78 -20.75 1.16 -1.78
C ASP A 78 -20.69 -0.03 -0.84
N GLY A 79 -19.83 0.06 0.17
CA GLY A 79 -19.71 -1.00 1.17
C GLY A 79 -18.29 -1.47 1.35
N GLN A 80 -17.80 -2.24 0.38
CA GLN A 80 -16.84 -3.30 0.65
C GLN A 80 -15.42 -2.76 0.81
N ALA A 81 -14.45 -3.66 0.72
CA ALA A 81 -13.04 -3.26 0.62
C ALA A 81 -12.80 -2.42 -0.62
N LEU A 82 -11.63 -1.80 -0.68
CA LEU A 82 -11.18 -1.13 -1.89
C LEU A 82 -10.14 -1.97 -2.61
N PRO A 83 -10.10 -1.85 -3.95
CA PRO A 83 -9.10 -2.57 -4.74
C PRO A 83 -7.70 -2.08 -4.42
N GLU A 84 -6.72 -2.97 -4.48
CA GLU A 84 -5.32 -2.57 -4.35
C GLU A 84 -4.89 -1.78 -5.58
N MET A 85 -4.15 -0.70 -5.35
CA MET A 85 -3.79 0.21 -6.43
C MET A 85 -2.29 0.48 -6.46
N GLU A 86 -1.57 -0.38 -7.18
CA GLU A 86 -0.11 -0.41 -7.13
C GLU A 86 0.50 -0.56 -8.52
N ILE A 87 1.75 -0.13 -8.66
CA ILE A 87 2.52 -0.35 -9.87
C ILE A 87 3.79 -1.14 -9.51
N HIS A 88 4.01 -2.24 -10.23
CA HIS A 88 5.16 -3.10 -9.94
C HIS A 88 6.07 -3.25 -11.14
N LEU A 89 7.36 -3.00 -10.92
CA LEU A 89 8.39 -3.32 -11.89
C LEU A 89 9.15 -4.56 -11.42
N GLN A 90 9.55 -5.39 -12.38
CA GLN A 90 10.44 -6.50 -12.08
C GLN A 90 11.44 -6.71 -13.20
N THR A 91 12.70 -6.94 -12.84
CA THR A 91 13.73 -7.26 -13.81
C THR A 91 14.10 -8.73 -13.72
N ASN A 92 14.44 -9.32 -14.86
CA ASN A 92 14.96 -10.68 -14.89
C ASN A 92 16.19 -10.80 -15.79
N ALA A 93 17.37 -10.79 -15.19
CA ALA A 93 18.62 -10.73 -15.95
C ALA A 93 18.81 -11.98 -16.81
N GLU A 94 18.41 -13.12 -16.28
CA GLU A 94 18.55 -14.39 -16.99
C GLU A 94 17.68 -14.43 -18.25
N LYS A 95 16.43 -14.05 -18.09
CA LYS A 95 15.45 -14.14 -19.17
C LYS A 95 15.50 -12.91 -20.07
N GLY A 96 16.24 -11.89 -19.63
CA GLY A 96 16.43 -10.70 -20.44
C GLY A 96 15.17 -9.86 -20.54
N THR A 97 14.44 -9.76 -19.44
CA THR A 97 13.16 -9.06 -19.46
C THR A 97 13.09 -7.94 -18.44
N ILE A 98 12.20 -6.99 -18.70
CA ILE A 98 11.67 -6.12 -17.66
C ILE A 98 10.16 -6.07 -17.77
N THR A 99 9.49 -6.23 -16.63
CA THR A 99 8.04 -6.32 -16.60
C THR A 99 7.46 -5.17 -15.79
N ILE A 100 6.35 -4.61 -16.26
CA ILE A 100 5.58 -3.68 -15.45
C ILE A 100 4.13 -4.15 -15.33
N GLN A 101 3.64 -4.24 -14.09
CA GLN A 101 2.25 -4.61 -13.86
C GLN A 101 1.55 -3.54 -13.03
N ASP A 102 0.36 -3.14 -13.46
CA ASP A 102 -0.50 -2.30 -12.64
C ASP A 102 -1.80 -3.03 -12.30
N THR A 103 -2.44 -2.60 -11.23
CA THR A 103 -3.70 -3.19 -10.82
C THR A 103 -4.87 -2.25 -11.10
N GLY A 104 -4.80 -1.58 -12.25
CA GLY A 104 -5.78 -0.55 -12.59
C GLY A 104 -6.89 -1.06 -13.49
N ILE A 105 -7.32 -0.21 -14.42
CA ILE A 105 -8.61 -0.39 -15.09
C ILE A 105 -8.58 -1.53 -16.11
N GLY A 106 -7.40 -1.79 -16.66
CA GLY A 106 -7.24 -2.84 -17.66
C GLY A 106 -7.83 -2.47 -19.02
N MET A 107 -7.88 -3.45 -19.92
CA MET A 107 -8.37 -3.23 -21.28
C MET A 107 -9.26 -4.38 -21.74
N THR A 108 -10.46 -4.04 -22.23
CA THR A 108 -11.28 -5.00 -22.97
C THR A 108 -10.53 -5.46 -24.22
N GLN A 109 -11.10 -6.43 -24.94
CA GLN A 109 -10.53 -6.86 -26.20
C GLN A 109 -10.53 -5.73 -27.22
N GLU A 110 -11.66 -5.02 -27.29
CA GLU A 110 -11.78 -3.86 -28.18
C GLU A 110 -10.73 -2.81 -27.87
N GLU A 111 -10.46 -2.60 -26.58
CA GLU A 111 -9.50 -1.60 -26.15
C GLU A 111 -8.05 -1.98 -26.51
N LEU A 112 -7.72 -3.26 -26.39
CA LEU A 112 -6.40 -3.72 -26.81
C LEU A 112 -6.17 -3.43 -28.28
N VAL A 113 -7.14 -3.79 -29.10
CA VAL A 113 -7.02 -3.63 -30.55
C VAL A 113 -6.92 -2.16 -30.91
N SER A 114 -7.76 -1.34 -30.29
CA SER A 114 -7.79 0.07 -30.59
C SER A 114 -6.63 0.83 -29.95
N ASN A 115 -6.40 0.58 -28.67
CA ASN A 115 -5.49 1.41 -27.87
C ASN A 115 -4.02 1.14 -28.14
N LEU A 116 -3.67 -0.14 -28.26
CA LEU A 116 -2.28 -0.53 -28.50
C LEU A 116 -1.94 -0.65 -29.97
N GLY A 117 -2.86 -0.23 -30.84
CA GLY A 117 -2.80 -0.58 -32.25
C GLY A 117 -2.77 0.63 -33.16
N THR A 118 -3.18 1.78 -32.63
CA THR A 118 -3.38 2.98 -33.44
C THR A 118 -2.49 4.11 -32.93
N ILE A 119 -2.55 5.25 -33.60
CA ILE A 119 -1.85 6.44 -33.14
C ILE A 119 -2.84 7.54 -32.75
N ALA A 120 -3.78 7.20 -31.89
CA ALA A 120 -4.70 8.18 -31.33
C ALA A 120 -3.93 9.21 -30.50
N ARG A 121 -2.84 8.77 -29.89
CA ARG A 121 -2.11 9.63 -28.96
C ARG A 121 -1.75 10.95 -29.61
N SER A 122 -2.05 12.04 -28.92
CA SER A 122 -1.97 13.37 -29.52
C SER A 122 -0.53 13.81 -29.77
N GLY A 123 0.38 13.43 -28.88
CA GLY A 123 1.78 13.83 -29.02
C GLY A 123 2.48 13.07 -30.11
N SER A 124 1.89 11.95 -30.52
CA SER A 124 2.43 11.15 -31.62
C SER A 124 2.05 11.74 -32.97
N LYS A 125 0.86 12.33 -33.02
CA LYS A 125 0.46 13.06 -34.22
C LYS A 125 1.31 14.31 -34.40
N ALA A 126 1.61 14.97 -33.29
CA ALA A 126 2.49 16.14 -33.30
C ALA A 126 3.90 15.75 -33.72
N PHE A 127 4.38 14.61 -33.21
CA PHE A 127 5.70 14.10 -33.57
C PHE A 127 5.83 13.93 -35.08
N LEU A 128 4.88 13.22 -35.67
CA LEU A 128 4.96 12.90 -37.10
C LEU A 128 4.85 14.16 -37.95
N ASP A 129 4.00 15.08 -37.53
CA ASP A 129 3.86 16.37 -38.20
C ASP A 129 5.17 17.14 -38.20
N ALA A 130 5.84 17.15 -37.05
CA ALA A 130 7.07 17.92 -36.87
C ALA A 130 8.24 17.30 -37.62
N LEU A 131 8.25 15.97 -37.70
CA LEU A 131 9.29 15.26 -38.44
C LEU A 131 9.20 15.52 -39.94
N GLN A 132 7.98 15.62 -40.44
CA GLN A 132 7.75 15.82 -41.86
C GLN A 132 8.05 17.27 -42.26
N ASN A 133 7.49 18.21 -41.52
CA ASN A 133 7.57 19.62 -41.89
C ASN A 133 8.62 20.38 -41.07
N GLN A 134 9.80 19.76 -40.94
CA GLN A 134 10.95 20.45 -40.38
C GLN A 134 12.20 19.59 -40.53
N ALA A 135 13.35 20.16 -40.19
CA ALA A 135 14.63 19.59 -40.57
C ALA A 135 15.42 19.12 -39.35
N GLU A 136 14.76 19.11 -38.20
CA GLU A 136 15.25 18.40 -37.04
C GLU A 136 15.06 16.89 -37.19
N ALA A 137 16.11 16.13 -36.88
CA ALA A 137 16.08 14.68 -37.03
C ALA A 137 15.26 14.02 -35.93
N SER A 138 14.91 12.74 -36.13
CA SER A 138 14.01 12.05 -35.22
C SER A 138 14.57 11.99 -33.80
N SER A 139 15.89 11.91 -33.69
CA SER A 139 16.54 11.93 -32.39
C SER A 139 16.00 13.03 -31.49
N LYS A 140 16.22 14.29 -31.89
CA LYS A 140 15.69 15.42 -31.15
C LYS A 140 14.24 15.20 -30.77
N ILE A 141 13.37 15.09 -31.77
CA ILE A 141 11.96 15.41 -31.58
C ILE A 141 11.16 14.22 -31.09
N ILE A 142 11.81 13.06 -31.02
CA ILE A 142 11.32 11.98 -30.17
C ILE A 142 11.44 12.37 -28.69
N GLY A 143 12.52 13.08 -28.36
CA GLY A 143 12.72 13.57 -27.00
C GLY A 143 11.69 14.62 -26.62
N GLN A 144 11.40 15.50 -27.57
CA GLN A 144 10.43 16.56 -27.36
C GLN A 144 9.03 16.02 -27.09
N PHE A 145 8.56 15.17 -27.99
CA PHE A 145 7.15 14.78 -28.02
C PHE A 145 6.90 13.51 -27.25
N GLY A 146 7.87 12.60 -27.27
CA GLY A 146 7.65 11.22 -26.85
C GLY A 146 6.82 10.43 -27.83
N VAL A 147 6.83 9.11 -27.69
CA VAL A 147 6.04 8.24 -28.55
C VAL A 147 5.23 7.23 -27.73
N GLY A 148 5.02 7.56 -26.46
CA GLY A 148 4.11 6.80 -25.61
C GLY A 148 4.42 5.31 -25.56
N PHE A 149 3.37 4.50 -25.67
CA PHE A 149 3.49 3.05 -25.49
C PHE A 149 4.53 2.46 -26.44
N TYR A 150 4.64 3.03 -27.64
CA TYR A 150 5.51 2.48 -28.67
C TYR A 150 6.99 2.71 -28.35
N SER A 151 7.25 3.46 -27.29
CA SER A 151 8.61 3.59 -26.76
C SER A 151 9.16 2.23 -26.35
N ALA A 152 8.27 1.29 -26.06
CA ALA A 152 8.69 -0.06 -25.68
C ALA A 152 9.51 -0.72 -26.78
N PHE A 153 9.25 -0.34 -28.03
CA PHE A 153 9.90 -0.96 -29.18
C PHE A 153 11.24 -0.33 -29.50
N MET A 154 11.63 0.67 -28.71
CA MET A 154 13.03 1.09 -28.63
C MET A 154 13.92 -0.03 -28.09
N VAL A 155 13.40 -0.79 -27.14
CA VAL A 155 14.23 -1.67 -26.32
C VAL A 155 13.80 -3.13 -26.43
N ALA A 156 12.72 -3.38 -27.15
CA ALA A 156 12.10 -4.70 -27.17
C ALA A 156 12.36 -5.41 -28.49
N ASP A 157 12.77 -6.67 -28.43
CA ASP A 157 12.61 -7.60 -29.54
C ASP A 157 11.13 -7.95 -29.70
N ARG A 158 10.43 -7.95 -28.58
CA ARG A 158 9.12 -8.61 -28.46
C ARG A 158 8.41 -8.09 -27.23
N VAL A 159 7.14 -7.71 -27.39
CA VAL A 159 6.35 -7.19 -26.27
C VAL A 159 5.16 -8.09 -25.99
N GLU A 160 4.99 -8.44 -24.72
CA GLU A 160 4.02 -9.44 -24.30
C GLU A 160 3.09 -8.86 -23.24
N VAL A 161 1.84 -8.60 -23.64
CA VAL A 161 0.89 -7.91 -22.77
C VAL A 161 -0.22 -8.85 -22.32
N TYR A 162 -0.51 -8.85 -21.02
CA TYR A 162 -1.78 -9.39 -20.53
C TYR A 162 -2.63 -8.26 -19.96
N SER A 163 -3.92 -8.32 -20.20
CA SER A 163 -4.84 -7.32 -19.65
C SER A 163 -6.24 -7.87 -19.43
N ARG A 164 -6.82 -7.52 -18.30
CA ARG A 164 -8.22 -7.80 -18.02
C ARG A 164 -8.91 -6.56 -17.47
N SER A 165 -10.03 -6.19 -18.09
CA SER A 165 -10.78 -5.00 -17.69
C SER A 165 -11.39 -5.18 -16.30
N ALA A 166 -11.42 -4.10 -15.54
CA ALA A 166 -12.04 -4.10 -14.22
C ALA A 166 -13.55 -4.27 -14.31
N ALA A 167 -14.10 -4.03 -15.50
CA ALA A 167 -15.54 -4.16 -15.70
C ALA A 167 -16.01 -5.55 -15.33
N PRO A 168 -17.11 -5.64 -14.56
CA PRO A 168 -17.71 -6.92 -14.22
C PRO A 168 -17.95 -7.78 -15.46
N GLY A 169 -17.46 -9.03 -15.42
CA GLY A 169 -17.72 -9.98 -16.49
C GLY A 169 -16.55 -10.13 -17.44
N SER A 170 -15.56 -9.25 -17.31
CA SER A 170 -14.50 -9.14 -18.30
C SER A 170 -13.64 -10.40 -18.34
N LEU A 171 -13.18 -10.77 -19.54
CA LEU A 171 -12.22 -11.85 -19.70
C LEU A 171 -10.79 -11.30 -19.80
N GLY A 172 -9.82 -12.18 -19.59
CA GLY A 172 -8.41 -11.81 -19.75
C GLY A 172 -7.91 -12.10 -21.15
N TYR A 173 -6.99 -11.27 -21.62
CA TYR A 173 -6.41 -11.45 -22.95
C TYR A 173 -4.90 -11.31 -22.94
N GLN A 174 -4.26 -11.98 -23.89
CA GLN A 174 -2.85 -11.76 -24.18
C GLN A 174 -2.69 -11.03 -25.51
N TRP A 175 -1.86 -9.99 -25.51
CA TRP A 175 -1.54 -9.24 -26.72
C TRP A 175 -0.05 -9.37 -26.98
N LEU A 176 0.28 -9.86 -28.18
CA LEU A 176 1.68 -10.09 -28.54
C LEU A 176 2.06 -9.25 -29.76
N SER A 177 3.27 -8.71 -29.74
CA SER A 177 3.84 -8.11 -30.94
C SER A 177 5.36 -8.07 -30.93
N ASP A 178 5.96 -8.26 -32.10
CA ASP A 178 7.39 -8.02 -32.28
C ASP A 178 7.67 -6.66 -32.91
N GLY A 179 6.61 -5.86 -33.11
CA GLY A 179 6.75 -4.45 -33.47
C GLY A 179 6.88 -4.23 -34.97
N SER A 180 6.64 -5.29 -35.73
CA SER A 180 6.77 -5.23 -37.18
C SER A 180 5.48 -5.72 -37.86
N GLY A 181 4.62 -4.78 -38.23
CA GLY A 181 3.51 -5.07 -39.13
C GLY A 181 2.26 -5.51 -38.40
N VAL A 182 2.41 -6.49 -37.51
CA VAL A 182 1.29 -7.29 -37.03
C VAL A 182 1.28 -7.45 -35.50
N PHE A 183 0.09 -7.61 -34.92
CA PHE A 183 -0.04 -8.05 -33.52
C PHE A 183 -1.11 -9.14 -33.36
N GLU A 184 -1.01 -9.91 -32.29
CA GLU A 184 -1.91 -11.03 -32.05
C GLU A 184 -2.64 -10.85 -30.73
N ILE A 185 -3.87 -11.36 -30.66
CA ILE A 185 -4.61 -11.37 -29.42
C ILE A 185 -5.30 -12.72 -29.20
N ALA A 186 -5.22 -13.22 -27.97
CA ALA A 186 -5.87 -14.47 -27.61
C ALA A 186 -6.36 -14.40 -26.17
N GLU A 187 -7.53 -14.99 -25.92
CA GLU A 187 -8.07 -15.05 -24.57
C GLU A 187 -7.12 -15.84 -23.66
N ALA A 188 -6.96 -15.35 -22.44
CA ALA A 188 -5.96 -15.89 -21.53
C ALA A 188 -6.54 -16.11 -20.15
N SER A 189 -6.09 -17.18 -19.49
CA SER A 189 -6.52 -17.49 -18.13
C SER A 189 -5.54 -16.91 -17.13
N GLY A 190 -6.03 -16.62 -15.93
CA GLY A 190 -5.16 -16.26 -14.82
C GLY A 190 -4.60 -14.86 -14.90
N VAL A 191 -5.25 -14.01 -15.69
CA VAL A 191 -4.92 -12.60 -15.73
C VAL A 191 -5.60 -11.84 -14.59
N ARG A 192 -4.79 -11.18 -13.76
CA ARG A 192 -5.32 -10.26 -12.76
C ARG A 192 -5.89 -9.01 -13.42
N THR A 193 -6.96 -8.48 -12.83
CA THR A 193 -7.50 -7.21 -13.28
C THR A 193 -6.43 -6.13 -13.34
N GLY A 194 -6.36 -5.43 -14.46
CA GLY A 194 -5.24 -4.53 -14.74
C GLY A 194 -4.43 -4.99 -15.93
N THR A 195 -3.16 -4.62 -15.97
CA THR A 195 -2.33 -4.85 -17.15
C THR A 195 -0.90 -5.19 -16.75
N LYS A 196 -0.39 -6.29 -17.28
CA LYS A 196 1.03 -6.62 -17.17
C LYS A 196 1.70 -6.53 -18.53
N ILE A 197 2.83 -5.83 -18.58
CA ILE A 197 3.58 -5.70 -19.83
C ILE A 197 4.98 -6.28 -19.69
N ILE A 198 5.26 -7.34 -20.44
CA ILE A 198 6.57 -8.01 -20.38
C ILE A 198 7.41 -7.64 -21.60
N ILE A 199 8.49 -6.91 -21.35
CA ILE A 199 9.38 -6.46 -22.42
C ILE A 199 10.55 -7.42 -22.56
N HIS A 200 10.58 -8.15 -23.67
CA HIS A 200 11.69 -9.03 -23.99
C HIS A 200 12.79 -8.26 -24.71
N LEU A 201 13.87 -7.97 -23.98
CA LEU A 201 14.79 -6.89 -24.36
C LEU A 201 15.69 -7.31 -25.53
N LYS A 202 15.98 -6.35 -26.40
CA LYS A 202 17.00 -6.54 -27.43
C LYS A 202 18.34 -6.86 -26.80
N SER A 203 19.27 -7.38 -27.60
CA SER A 203 20.59 -7.76 -27.11
C SER A 203 21.36 -6.56 -26.58
N ASP A 204 21.29 -5.45 -27.31
CA ASP A 204 22.01 -4.24 -26.92
C ASP A 204 21.27 -3.43 -25.86
N CYS A 205 20.25 -4.05 -25.24
CA CYS A 205 19.39 -3.34 -24.31
C CYS A 205 19.21 -4.10 -23.00
N LYS A 206 20.08 -5.09 -22.77
CA LYS A 206 19.94 -5.96 -21.62
C LYS A 206 20.17 -5.23 -20.30
N GLU A 207 20.70 -4.01 -20.40
CA GLU A 207 20.94 -3.18 -19.22
C GLU A 207 19.64 -2.88 -18.46
N PHE A 208 18.52 -2.89 -19.16
CA PHE A 208 17.24 -2.62 -18.54
C PHE A 208 16.68 -3.86 -17.86
N SER A 209 17.47 -4.92 -17.87
CA SER A 209 17.21 -6.08 -17.02
C SER A 209 18.08 -6.09 -15.77
N SER A 210 18.86 -5.02 -15.60
CA SER A 210 19.62 -4.82 -14.36
C SER A 210 18.87 -3.93 -13.38
N GLU A 211 18.73 -4.42 -12.15
CA GLU A 211 17.95 -3.69 -11.14
C GLU A 211 18.54 -2.32 -10.86
N ALA A 212 19.86 -2.26 -10.76
CA ALA A 212 20.55 -1.02 -10.43
C ALA A 212 20.36 0.02 -11.53
N ARG A 213 20.35 -0.44 -12.78
CA ARG A 213 20.06 0.45 -13.90
C ARG A 213 18.65 1.02 -13.81
N VAL A 214 17.68 0.14 -13.58
CA VAL A 214 16.28 0.57 -13.49
C VAL A 214 16.06 1.47 -12.28
N ARG A 215 16.71 1.15 -11.17
CA ARG A 215 16.59 1.96 -9.96
C ARG A 215 17.10 3.38 -10.19
N ASP A 216 18.25 3.50 -10.84
CA ASP A 216 18.88 4.80 -11.06
C ASP A 216 18.03 5.68 -11.99
N VAL A 217 17.37 5.05 -12.95
CA VAL A 217 16.44 5.77 -13.81
C VAL A 217 15.21 6.24 -13.03
N VAL A 218 14.55 5.31 -12.34
CA VAL A 218 13.25 5.60 -11.74
C VAL A 218 13.36 6.55 -10.56
N THR A 219 14.49 6.55 -9.88
CA THR A 219 14.67 7.38 -8.70
C THR A 219 14.55 8.87 -9.03
N LYS A 220 14.81 9.22 -10.29
CA LYS A 220 14.79 10.61 -10.71
C LYS A 220 13.40 11.23 -10.67
N TYR A 221 12.36 10.39 -10.69
CA TYR A 221 10.99 10.88 -10.81
C TYR A 221 9.96 10.10 -9.98
N SER A 222 10.43 9.15 -9.17
CA SER A 222 9.53 8.30 -8.40
C SER A 222 8.63 9.07 -7.44
N ASN A 223 9.11 10.19 -6.92
CA ASN A 223 8.28 10.97 -6.02
C ASN A 223 7.25 11.86 -6.71
N PHE A 224 7.19 11.74 -8.03
CA PHE A 224 6.10 12.33 -8.80
C PHE A 224 5.07 11.28 -9.25
N VAL A 225 5.32 10.03 -8.89
CA VAL A 225 4.43 8.93 -9.29
C VAL A 225 3.30 8.75 -8.28
N SER A 226 2.06 8.82 -8.77
CA SER A 226 0.90 9.12 -7.92
C SER A 226 0.44 7.93 -7.08
N PHE A 227 0.97 6.75 -7.39
CA PHE A 227 0.57 5.52 -6.72
C PHE A 227 1.80 4.78 -6.22
N PRO A 228 1.61 3.85 -5.28
CA PRO A 228 2.74 3.08 -4.76
C PRO A 228 3.47 2.36 -5.89
N LEU A 229 4.80 2.49 -5.90
CA LEU A 229 5.62 1.99 -6.98
C LEU A 229 6.70 1.08 -6.42
N TYR A 230 6.76 -0.15 -6.93
CA TYR A 230 7.73 -1.13 -6.45
C TYR A 230 8.71 -1.50 -7.55
N LEU A 231 9.95 -1.77 -7.16
CA LEU A 231 10.93 -2.36 -8.06
C LEU A 231 11.51 -3.63 -7.44
N ASN A 232 11.21 -4.77 -8.07
CA ASN A 232 11.61 -6.06 -7.54
C ASN A 232 11.19 -6.23 -6.08
N GLY A 233 10.02 -5.69 -5.76
CA GLY A 233 9.40 -5.93 -4.46
C GLY A 233 9.73 -4.87 -3.43
N ARG A 234 10.56 -3.90 -3.83
CA ARG A 234 10.95 -2.82 -2.94
C ARG A 234 10.20 -1.53 -3.27
N ARG A 235 9.69 -0.88 -2.23
CA ARG A 235 8.94 0.36 -2.40
C ARG A 235 9.86 1.53 -2.75
N MET A 236 9.47 2.31 -3.74
CA MET A 236 10.33 3.34 -4.31
C MET A 236 9.90 4.75 -3.93
N ASN A 237 8.63 4.92 -3.55
CA ASN A 237 8.08 6.24 -3.27
C ASN A 237 7.26 6.31 -1.98
N THR A 238 7.07 7.52 -1.47
CA THR A 238 6.06 7.77 -0.45
C THR A 238 4.66 7.72 -1.04
N PRO B 14 -8.41 -10.39 -3.03
CA PRO B 14 -7.02 -10.73 -2.75
C PRO B 14 -6.46 -9.92 -1.58
N LEU B 15 -6.39 -10.55 -0.42
CA LEU B 15 -6.27 -9.82 0.84
C LEU B 15 -4.80 -9.61 1.23
N HIS B 16 -4.57 -8.65 2.11
CA HIS B 16 -3.21 -8.24 2.46
C HIS B 16 -3.05 -8.11 3.96
N SER B 17 -2.46 -9.12 4.58
CA SER B 17 -2.34 -9.18 6.03
C SER B 17 -0.87 -9.22 6.44
N ILE B 18 -0.54 -8.52 7.52
CA ILE B 18 0.79 -8.59 8.10
C ILE B 18 0.76 -9.15 9.52
N ILE B 19 -0.44 -9.27 10.08
CA ILE B 19 -0.58 -9.72 11.46
C ILE B 19 -0.52 -11.24 11.56
N SER B 20 0.51 -11.73 12.23
CA SER B 20 0.58 -13.13 12.64
C SER B 20 1.38 -13.29 13.93
N SER B 21 1.23 -14.43 14.58
CA SER B 21 1.90 -14.68 15.86
C SER B 21 3.37 -15.01 15.66
N THR B 22 4.19 -13.97 15.54
CA THR B 22 5.64 -14.16 15.37
C THR B 22 6.38 -13.99 16.69
N GLU B 23 5.72 -13.37 17.66
CA GLU B 23 6.40 -12.90 18.87
C GLU B 23 6.51 -14.01 19.91
N SER B 24 7.59 -13.99 20.68
CA SER B 24 7.72 -14.84 21.85
C SER B 24 8.50 -14.15 22.95
N VAL B 25 8.02 -14.26 24.19
CA VAL B 25 8.70 -13.65 25.32
C VAL B 25 9.99 -14.37 25.63
N GLN B 26 11.08 -13.63 25.70
CA GLN B 26 12.38 -14.17 26.09
C GLN B 26 12.80 -13.66 27.45
N GLY B 27 13.11 -14.60 28.35
CA GLY B 27 13.64 -14.25 29.67
C GLY B 27 12.61 -13.56 30.56
N SER B 28 13.11 -12.72 31.46
CA SER B 28 12.41 -12.47 32.72
C SER B 28 11.54 -11.21 32.64
N THR B 29 10.75 -10.99 33.67
CA THR B 29 9.75 -9.94 33.67
C THR B 29 10.15 -8.85 34.65
N SER B 30 9.98 -7.59 34.26
CA SER B 30 10.11 -6.48 35.21
C SER B 30 8.77 -5.86 35.53
N LYS B 31 8.51 -5.70 36.83
CA LYS B 31 7.19 -5.31 37.30
C LYS B 31 7.16 -3.82 37.62
N HIS B 32 6.09 -3.17 37.19
CA HIS B 32 5.98 -1.72 37.30
C HIS B 32 4.60 -1.35 37.82
N GLU B 33 4.53 -0.25 38.58
CA GLU B 33 3.25 0.29 39.01
C GLU B 33 2.85 1.48 38.14
N PHE B 34 1.57 1.52 37.77
CA PHE B 34 1.00 2.72 37.17
C PHE B 34 1.18 3.94 38.08
N GLN B 35 1.40 5.09 37.47
CA GLN B 35 1.35 6.36 38.19
C GLN B 35 0.02 6.52 38.92
N ALA B 36 0.06 7.13 40.09
CA ALA B 36 -1.15 7.30 40.91
C ALA B 36 -2.30 7.89 40.10
N GLU B 37 -2.02 8.95 39.34
CA GLU B 37 -3.05 9.60 38.53
C GLU B 37 -3.59 8.67 37.45
N THR B 38 -2.72 7.79 36.95
CA THR B 38 -3.13 6.79 35.98
C THR B 38 -4.10 5.78 36.60
N LYS B 39 -3.79 5.31 37.79
CA LYS B 39 -4.69 4.42 38.51
C LYS B 39 -6.05 5.07 38.74
N LYS B 40 -6.04 6.36 39.07
CA LYS B 40 -7.29 7.08 39.30
C LYS B 40 -8.10 7.14 38.02
N LEU B 41 -7.44 7.46 36.91
CA LEU B 41 -8.11 7.52 35.62
C LEU B 41 -8.71 6.16 35.24
N LEU B 42 -7.93 5.09 35.40
CA LEU B 42 -8.39 3.75 35.05
C LEU B 42 -9.61 3.33 35.86
N ASP B 43 -9.61 3.65 37.14
CA ASP B 43 -10.73 3.29 38.00
C ASP B 43 -11.98 4.04 37.62
N ILE B 44 -11.83 5.33 37.30
CA ILE B 44 -12.95 6.15 36.87
C ILE B 44 -13.58 5.60 35.59
N VAL B 45 -12.73 5.24 34.63
CA VAL B 45 -13.20 4.61 33.39
C VAL B 45 -13.92 3.29 33.67
N ALA B 46 -13.35 2.49 34.57
CA ALA B 46 -13.89 1.17 34.88
C ALA B 46 -15.32 1.27 35.38
N ARG B 47 -15.56 2.26 36.23
CA ARG B 47 -16.81 2.32 36.98
C ARG B 47 -17.78 3.32 36.36
N SER B 48 -17.31 4.07 35.37
CA SER B 48 -18.21 4.85 34.53
C SER B 48 -19.12 3.91 33.75
N LEU B 49 -20.25 4.43 33.28
CA LEU B 49 -21.14 3.64 32.43
C LEU B 49 -20.97 4.02 30.98
N TYR B 50 -19.79 4.51 30.62
CA TYR B 50 -19.55 5.07 29.30
C TYR B 50 -19.96 4.07 28.22
N SER B 51 -20.86 4.48 27.35
CA SER B 51 -21.57 3.55 26.48
C SER B 51 -20.92 3.47 25.10
N GLU B 52 -20.19 4.51 24.74
CA GLU B 52 -19.55 4.56 23.42
C GLU B 52 -18.14 3.99 23.46
N LYS B 53 -18.03 2.75 23.93
CA LYS B 53 -16.73 2.12 24.15
C LYS B 53 -15.98 1.93 22.83
N GLU B 54 -16.71 1.94 21.72
CA GLU B 54 -16.11 1.75 20.40
C GLU B 54 -15.05 2.80 20.09
N VAL B 55 -15.01 3.86 20.90
CA VAL B 55 -14.03 4.92 20.73
C VAL B 55 -12.58 4.41 20.79
N PHE B 56 -12.36 3.29 21.48
CA PHE B 56 -11.01 2.75 21.63
C PHE B 56 -10.37 2.44 20.29
N ILE B 57 -11.18 2.08 19.30
CA ILE B 57 -10.67 1.76 17.97
C ILE B 57 -10.03 2.97 17.31
N ARG B 58 -10.71 4.11 17.34
CA ARG B 58 -10.12 5.32 16.78
C ARG B 58 -8.94 5.82 17.60
N GLU B 59 -9.01 5.72 18.92
CA GLU B 59 -7.88 6.10 19.76
C GLU B 59 -6.62 5.35 19.33
N LEU B 60 -6.75 4.06 19.08
CA LEU B 60 -5.60 3.24 18.70
C LEU B 60 -5.16 3.49 17.26
N ILE B 61 -6.12 3.74 16.38
CA ILE B 61 -5.79 4.07 14.99
C ILE B 61 -5.09 5.44 14.90
N SER B 62 -5.53 6.39 15.72
CA SER B 62 -4.87 7.69 15.79
C SER B 62 -3.43 7.57 16.28
N ASN B 63 -3.22 6.70 17.27
CA ASN B 63 -1.86 6.45 17.76
C ASN B 63 -0.97 5.75 16.74
N ALA B 64 -1.53 4.75 16.06
CA ALA B 64 -0.82 4.10 14.95
C ALA B 64 -0.41 5.13 13.89
N SER B 65 -1.34 6.02 13.55
CA SER B 65 -1.06 7.06 12.54
C SER B 65 0.04 8.00 13.03
N ASP B 66 -0.05 8.44 14.28
CA ASP B 66 1.01 9.24 14.88
C ASP B 66 2.36 8.55 14.73
N ALA B 67 2.40 7.26 15.07
CA ALA B 67 3.66 6.50 15.05
C ALA B 67 4.24 6.40 13.64
N LEU B 68 3.37 6.25 12.65
CA LEU B 68 3.79 6.23 11.25
C LEU B 68 4.28 7.58 10.77
N GLU B 69 3.60 8.65 11.20
CA GLU B 69 4.07 10.00 10.92
C GLU B 69 5.45 10.29 11.50
N LYS B 70 5.70 9.81 12.72
CA LYS B 70 7.02 9.95 13.34
C LYS B 70 8.09 9.27 12.50
N LEU B 71 7.75 8.10 11.97
CA LEU B 71 8.69 7.38 11.11
C LEU B 71 9.10 8.18 9.88
N ARG B 72 8.17 8.92 9.31
CA ARG B 72 8.48 9.74 8.14
C ARG B 72 9.56 10.76 8.45
N HIS B 73 9.57 11.26 9.69
CA HIS B 73 10.47 12.35 10.06
C HIS B 73 11.92 11.92 10.02
N LYS B 74 12.15 10.61 10.02
CA LYS B 74 13.51 10.08 10.01
C LYS B 74 14.02 9.82 8.60
N LEU B 75 13.13 9.93 7.60
CA LEU B 75 13.48 9.57 6.24
C LEU B 75 14.29 10.66 5.55
N VAL B 76 15.40 10.26 4.95
CA VAL B 76 15.95 10.96 3.79
C VAL B 76 16.29 9.99 2.68
N SER B 77 16.47 10.51 1.47
CA SER B 77 17.08 9.75 0.39
C SER B 77 18.24 8.90 0.89
N ALA B 81 15.03 2.39 -0.67
CA ALA B 81 14.05 1.41 -0.21
C ALA B 81 13.28 1.92 0.99
N LEU B 82 12.03 2.34 0.76
CA LEU B 82 11.25 2.98 1.80
C LEU B 82 10.52 1.96 2.65
N PRO B 83 10.40 2.23 3.96
CA PRO B 83 9.75 1.29 4.87
C PRO B 83 8.25 1.21 4.60
N GLU B 84 7.67 0.03 4.81
CA GLU B 84 6.23 -0.13 4.73
C GLU B 84 5.56 0.71 5.81
N MET B 85 4.50 1.41 5.42
CA MET B 85 3.82 2.30 6.36
C MET B 85 2.31 2.09 6.36
N GLU B 86 1.88 1.17 7.21
CA GLU B 86 0.53 0.62 7.14
C GLU B 86 -0.07 0.47 8.54
N ILE B 87 -1.39 0.49 8.62
CA ILE B 87 -2.11 0.18 9.85
C ILE B 87 -3.01 -1.02 9.62
N HIS B 88 -2.87 -2.05 10.44
CA HIS B 88 -3.69 -3.25 10.29
C HIS B 88 -4.55 -3.53 11.51
N LEU B 89 -5.83 -3.79 11.27
CA LEU B 89 -6.70 -4.38 12.28
C LEU B 89 -6.97 -5.84 11.95
N GLN B 90 -7.08 -6.67 12.99
CA GLN B 90 -7.52 -8.04 12.79
C GLN B 90 -8.43 -8.48 13.93
N THR B 91 -9.60 -8.99 13.57
CA THR B 91 -10.50 -9.58 14.57
C THR B 91 -10.32 -11.09 14.61
N ASN B 92 -10.44 -11.65 15.81
CA ASN B 92 -10.46 -13.10 15.98
C ASN B 92 -11.60 -13.54 16.87
N ALA B 93 -12.67 -14.01 16.25
CA ALA B 93 -13.90 -14.37 16.97
C ALA B 93 -13.65 -15.50 17.96
N GLU B 94 -12.77 -16.44 17.59
CA GLU B 94 -12.54 -17.63 18.38
C GLU B 94 -11.76 -17.31 19.65
N LYS B 95 -10.80 -16.40 19.55
CA LYS B 95 -9.94 -16.06 20.67
C LYS B 95 -10.49 -14.86 21.44
N GLY B 96 -11.49 -14.19 20.88
CA GLY B 96 -12.09 -13.04 21.53
C GLY B 96 -11.15 -11.85 21.58
N THR B 97 -10.43 -11.63 20.47
CA THR B 97 -9.45 -10.56 20.42
C THR B 97 -9.73 -9.57 19.29
N ILE B 98 -9.23 -8.35 19.45
CA ILE B 98 -8.99 -7.46 18.33
C ILE B 98 -7.59 -6.87 18.43
N THR B 99 -6.89 -6.88 17.30
CA THR B 99 -5.47 -6.53 17.27
C THR B 99 -5.26 -5.34 16.34
N ILE B 100 -4.46 -4.38 16.77
CA ILE B 100 -4.02 -3.33 15.86
C ILE B 100 -2.50 -3.29 15.79
N GLN B 101 -1.97 -3.35 14.57
CA GLN B 101 -0.54 -3.27 14.37
C GLN B 101 -0.21 -2.15 13.41
N ASP B 102 0.81 -1.36 13.76
CA ASP B 102 1.34 -0.38 12.84
C ASP B 102 2.82 -0.65 12.57
N THR B 103 3.30 -0.17 11.44
CA THR B 103 4.69 -0.37 11.05
C THR B 103 5.48 0.92 11.25
N GLY B 104 5.15 1.64 12.32
CA GLY B 104 5.73 2.96 12.56
C GLY B 104 6.90 2.94 13.53
N ILE B 105 7.04 4.04 14.29
CA ILE B 105 8.30 4.35 14.96
C ILE B 105 8.62 3.39 16.10
N GLY B 106 7.59 2.80 16.69
CA GLY B 106 7.77 1.86 17.79
C GLY B 106 8.17 2.56 19.07
N MET B 107 8.47 1.77 20.11
CA MET B 107 8.84 2.33 21.41
C MET B 107 10.05 1.59 21.96
N THR B 108 10.99 2.34 22.52
CA THR B 108 12.06 1.77 23.35
C THR B 108 11.48 1.23 24.64
N GLN B 109 12.31 0.59 25.45
CA GLN B 109 11.85 0.12 26.76
C GLN B 109 11.45 1.31 27.64
N GLU B 110 12.29 2.33 27.65
CA GLU B 110 12.00 3.54 28.42
C GLU B 110 10.67 4.14 27.98
N GLU B 111 10.46 4.18 26.68
CA GLU B 111 9.23 4.74 26.12
C GLU B 111 7.98 3.93 26.52
N LEU B 112 8.09 2.60 26.47
CA LEU B 112 7.00 1.75 26.93
C LEU B 112 6.61 2.08 28.38
N VAL B 113 7.63 2.11 29.24
CA VAL B 113 7.41 2.36 30.66
C VAL B 113 6.74 3.71 30.89
N SER B 114 7.25 4.73 30.22
CA SER B 114 6.77 6.09 30.43
C SER B 114 5.45 6.32 29.70
N ASN B 115 5.41 5.99 28.41
CA ASN B 115 4.29 6.40 27.55
C ASN B 115 2.98 5.70 27.91
N LEU B 116 3.06 4.44 28.33
CA LEU B 116 1.87 3.63 28.53
C LEU B 116 1.49 3.56 30.02
N GLY B 117 2.22 4.29 30.85
CA GLY B 117 2.14 4.11 32.30
C GLY B 117 1.75 5.38 33.03
N THR B 118 1.93 6.52 32.39
CA THR B 118 1.75 7.81 33.05
C THR B 118 0.57 8.59 32.47
N ILE B 119 0.30 9.76 33.04
CA ILE B 119 -0.64 10.71 32.46
C ILE B 119 0.13 11.89 31.87
N ALA B 120 0.78 11.66 30.75
CA ALA B 120 1.44 12.74 30.01
C ALA B 120 0.48 13.42 29.05
N ARG B 121 -0.47 12.64 28.53
CA ARG B 121 -1.41 13.13 27.53
C ARG B 121 -2.12 14.40 28.01
N SER B 122 -2.03 15.46 27.22
CA SER B 122 -2.53 16.76 27.65
C SER B 122 -4.03 16.73 27.89
N GLY B 123 -4.75 16.01 27.04
CA GLY B 123 -6.19 15.84 27.21
C GLY B 123 -6.56 15.09 28.47
N SER B 124 -5.65 14.27 28.96
CA SER B 124 -5.92 13.48 30.17
C SER B 124 -5.68 14.27 31.45
N LYS B 125 -4.74 15.20 31.39
CA LYS B 125 -4.62 16.21 32.44
C LYS B 125 -5.89 17.06 32.52
N ALA B 126 -6.39 17.48 31.36
CA ALA B 126 -7.61 18.27 31.31
C ALA B 126 -8.80 17.46 31.80
N PHE B 127 -8.85 16.19 31.40
CA PHE B 127 -9.86 15.26 31.90
C PHE B 127 -9.90 15.22 33.43
N LEU B 128 -8.75 14.95 34.04
CA LEU B 128 -8.66 14.79 35.49
C LEU B 128 -9.03 16.09 36.21
N ASP B 129 -8.70 17.22 35.60
CA ASP B 129 -9.08 18.52 36.14
C ASP B 129 -10.58 18.75 36.04
N ALA B 130 -11.18 18.26 34.95
CA ALA B 130 -12.61 18.39 34.74
C ALA B 130 -13.40 17.58 35.76
N LEU B 131 -12.83 16.48 36.24
CA LEU B 131 -13.46 15.68 37.28
C LEU B 131 -13.66 16.50 38.55
N GLN B 132 -12.78 17.46 38.78
CA GLN B 132 -12.82 18.27 39.99
C GLN B 132 -13.70 19.50 39.84
N ASN B 133 -13.99 19.89 38.60
CA ASN B 133 -14.54 21.21 38.34
C ASN B 133 -15.89 21.19 37.63
N GLN B 134 -16.33 20.01 37.21
CA GLN B 134 -17.59 19.88 36.48
C GLN B 134 -18.63 19.11 37.29
N ALA B 135 -19.84 19.65 37.35
CA ALA B 135 -20.96 18.93 37.95
C ALA B 135 -21.62 17.99 36.95
N GLU B 136 -20.82 17.11 36.35
CA GLU B 136 -21.30 16.17 35.35
C GLU B 136 -20.89 14.75 35.71
N ALA B 137 -21.64 13.77 35.19
CA ALA B 137 -21.22 12.37 35.28
C ALA B 137 -19.87 12.17 34.62
N SER B 138 -19.15 11.15 35.07
CA SER B 138 -17.83 10.84 34.51
C SER B 138 -17.94 10.41 33.06
N SER B 139 -19.02 9.73 32.71
CA SER B 139 -19.22 9.27 31.34
C SER B 139 -19.26 10.45 30.36
N LYS B 140 -19.92 11.53 30.77
CA LYS B 140 -19.99 12.73 29.94
C LYS B 140 -18.61 13.35 29.76
N ILE B 141 -17.82 13.32 30.81
CA ILE B 141 -16.50 13.95 30.81
C ILE B 141 -15.49 13.11 30.04
N ILE B 142 -15.68 11.80 30.07
CA ILE B 142 -14.91 10.88 29.22
C ILE B 142 -15.22 11.16 27.75
N GLY B 143 -16.49 11.42 27.47
CA GLY B 143 -16.92 11.79 26.13
C GLY B 143 -16.28 13.07 25.64
N GLN B 144 -16.07 14.00 26.56
CA GLN B 144 -15.61 15.34 26.22
C GLN B 144 -14.12 15.34 25.88
N PHE B 145 -13.33 14.62 26.66
CA PHE B 145 -11.88 14.71 26.57
C PHE B 145 -11.25 13.51 25.89
N GLY B 146 -11.88 12.35 26.02
CA GLY B 146 -11.24 11.08 25.71
C GLY B 146 -10.22 10.67 26.78
N VAL B 147 -9.78 9.43 26.72
CA VAL B 147 -8.73 8.97 27.63
C VAL B 147 -7.58 8.26 26.89
N GLY B 148 -7.46 8.53 25.60
CA GLY B 148 -6.29 8.11 24.84
C GLY B 148 -6.10 6.61 24.86
N PHE B 149 -4.86 6.18 25.07
CA PHE B 149 -4.51 4.76 25.06
C PHE B 149 -5.35 3.95 26.05
N TYR B 150 -5.65 4.55 27.20
CA TYR B 150 -6.34 3.83 28.27
C TYR B 150 -7.77 3.45 27.89
N SER B 151 -8.28 4.03 26.80
CA SER B 151 -9.55 3.60 26.24
C SER B 151 -9.59 2.09 25.97
N ALA B 152 -8.43 1.49 25.73
CA ALA B 152 -8.37 0.04 25.52
C ALA B 152 -9.00 -0.71 26.69
N PHE B 153 -8.88 -0.16 27.89
CA PHE B 153 -9.34 -0.86 29.09
C PHE B 153 -10.85 -0.72 29.30
N MET B 154 -11.51 0.03 28.42
CA MET B 154 -12.96 -0.01 28.35
C MET B 154 -13.47 -1.39 27.95
N VAL B 155 -12.71 -2.06 27.09
CA VAL B 155 -13.18 -3.27 26.44
C VAL B 155 -12.35 -4.50 26.77
N ALA B 156 -11.20 -4.29 27.43
CA ALA B 156 -10.20 -5.34 27.58
C ALA B 156 -10.22 -5.94 28.99
N ASP B 157 -10.23 -7.27 29.07
CA ASP B 157 -9.71 -7.98 30.24
C ASP B 157 -8.23 -7.71 30.42
N ARG B 158 -7.50 -7.81 29.31
CA ARG B 158 -6.05 -7.76 29.33
C ARG B 158 -5.56 -7.13 28.05
N VAL B 159 -4.49 -6.35 28.13
CA VAL B 159 -3.90 -5.73 26.96
C VAL B 159 -2.45 -6.18 26.79
N GLU B 160 -2.11 -6.59 25.57
CA GLU B 160 -0.83 -7.22 25.28
C GLU B 160 -0.15 -6.43 24.15
N VAL B 161 0.91 -5.69 24.49
CA VAL B 161 1.58 -4.84 23.52
C VAL B 161 2.97 -5.39 23.19
N TYR B 162 3.26 -5.51 21.90
CA TYR B 162 4.63 -5.73 21.45
C TYR B 162 5.12 -4.50 20.70
N SER B 163 6.31 -4.03 21.02
CA SER B 163 6.86 -2.88 20.33
C SER B 163 8.36 -3.01 20.12
N ARG B 164 8.82 -2.57 18.96
CA ARG B 164 10.25 -2.46 18.71
C ARG B 164 10.57 -1.16 17.98
N SER B 165 11.39 -0.34 18.61
CA SER B 165 11.79 0.94 18.06
C SER B 165 12.43 0.76 16.69
N ALA B 166 12.16 1.70 15.79
CA ALA B 166 12.74 1.70 14.46
C ALA B 166 14.23 2.04 14.49
N ALA B 167 14.69 2.59 15.61
CA ALA B 167 16.11 2.86 15.79
C ALA B 167 16.93 1.59 15.65
N PRO B 168 18.03 1.65 14.88
CA PRO B 168 18.79 0.44 14.59
C PRO B 168 19.33 -0.21 15.86
N GLY B 169 19.24 -1.54 15.94
CA GLY B 169 19.80 -2.28 17.05
C GLY B 169 18.86 -2.40 18.23
N SER B 170 17.68 -1.78 18.11
CA SER B 170 16.71 -1.78 19.20
C SER B 170 16.11 -3.17 19.40
N LEU B 171 15.82 -3.52 20.64
CA LEU B 171 15.24 -4.82 20.97
C LEU B 171 13.72 -4.75 20.96
N GLY B 172 13.07 -5.91 20.83
CA GLY B 172 11.62 -5.98 20.98
C GLY B 172 11.21 -6.23 22.42
N TYR B 173 10.04 -5.70 22.79
CA TYR B 173 9.52 -5.88 24.14
C TYR B 173 8.06 -6.27 24.11
N GLN B 174 7.63 -6.96 25.16
CA GLN B 174 6.22 -7.14 25.47
C GLN B 174 5.83 -6.31 26.69
N TRP B 175 4.75 -5.55 26.56
CA TRP B 175 4.14 -4.85 27.68
C TRP B 175 2.78 -5.48 27.96
N LEU B 176 2.55 -5.84 29.22
CA LEU B 176 1.34 -6.56 29.60
C LEU B 176 0.63 -5.82 30.73
N SER B 177 -0.70 -5.75 30.67
CA SER B 177 -1.47 -5.25 31.79
C SER B 177 -2.92 -5.73 31.74
N ASP B 178 -3.50 -5.96 32.91
CA ASP B 178 -4.95 -6.11 33.01
C ASP B 178 -5.62 -4.84 33.54
N GLY B 179 -4.84 -3.77 33.64
CA GLY B 179 -5.39 -2.44 33.85
C GLY B 179 -5.70 -2.18 35.32
N SER B 180 -5.16 -3.02 36.18
CA SER B 180 -5.35 -2.86 37.62
C SER B 180 -4.01 -2.81 38.35
N GLY B 181 -3.52 -1.59 38.58
CA GLY B 181 -2.42 -1.37 39.49
C GLY B 181 -1.07 -1.44 38.80
N VAL B 182 -0.87 -2.51 38.03
CA VAL B 182 0.46 -2.94 37.64
C VAL B 182 0.56 -3.23 36.16
N PHE B 183 1.75 -3.04 35.60
CA PHE B 183 2.06 -3.57 34.28
C PHE B 183 3.43 -4.23 34.26
N GLU B 184 3.63 -5.09 33.28
CA GLU B 184 4.86 -5.87 33.17
C GLU B 184 5.58 -5.55 31.87
N ILE B 185 6.90 -5.69 31.88
CA ILE B 185 7.68 -5.59 30.66
C ILE B 185 8.69 -6.73 30.57
N ALA B 186 8.73 -7.38 29.41
CA ALA B 186 9.75 -8.39 29.12
C ALA B 186 10.31 -8.21 27.72
N GLU B 187 11.54 -8.66 27.53
CA GLU B 187 12.12 -8.74 26.19
C GLU B 187 11.38 -9.79 25.37
N ALA B 188 11.18 -9.49 24.08
CA ALA B 188 10.48 -10.40 23.19
C ALA B 188 11.23 -10.53 21.86
N SER B 189 11.28 -11.74 21.33
CA SER B 189 11.79 -11.97 19.98
C SER B 189 10.64 -11.96 18.97
N GLY B 190 10.98 -11.74 17.71
CA GLY B 190 10.02 -11.86 16.62
C GLY B 190 9.09 -10.66 16.51
N VAL B 191 9.45 -9.55 17.15
CA VAL B 191 8.68 -8.31 17.04
C VAL B 191 9.11 -7.50 15.82
N ARG B 192 8.16 -7.20 14.94
CA ARG B 192 8.40 -6.28 13.85
C ARG B 192 8.55 -4.85 14.36
N THR B 193 9.39 -4.06 13.70
CA THR B 193 9.47 -2.63 13.99
C THR B 193 8.09 -2.00 13.94
N GLY B 194 7.78 -1.19 14.95
CA GLY B 194 6.43 -0.67 15.12
C GLY B 194 5.82 -1.21 16.39
N THR B 195 4.49 -1.34 16.39
CA THR B 195 3.77 -1.67 17.62
C THR B 195 2.53 -2.48 17.29
N LYS B 196 2.35 -3.57 18.04
CA LYS B 196 1.15 -4.41 17.89
C LYS B 196 0.45 -4.48 19.24
N ILE B 197 -0.83 -4.12 19.25
CA ILE B 197 -1.61 -4.12 20.49
C ILE B 197 -2.70 -5.17 20.38
N ILE B 198 -2.63 -6.19 21.24
CA ILE B 198 -3.64 -7.25 21.26
C ILE B 198 -4.57 -7.06 22.44
N ILE B 199 -5.84 -6.81 22.13
CA ILE B 199 -6.85 -6.59 23.15
C ILE B 199 -7.65 -7.87 23.38
N HIS B 200 -7.47 -8.45 24.56
CA HIS B 200 -8.26 -9.61 24.98
C HIS B 200 -9.58 -9.16 25.58
N LEU B 201 -10.65 -9.29 24.80
CA LEU B 201 -11.88 -8.57 25.07
C LEU B 201 -12.59 -9.10 26.31
N LYS B 202 -13.24 -8.21 27.06
CA LYS B 202 -14.16 -8.61 28.11
C LYS B 202 -15.25 -9.53 27.57
N SER B 203 -15.80 -10.36 28.44
CA SER B 203 -16.85 -11.30 28.04
C SER B 203 -18.09 -10.57 27.54
N ASP B 204 -18.30 -9.35 28.02
CA ASP B 204 -19.44 -8.54 27.61
C ASP B 204 -19.11 -7.58 26.47
N CYS B 205 -17.92 -7.74 25.88
CA CYS B 205 -17.45 -6.82 24.86
C CYS B 205 -17.03 -7.55 23.58
N LYS B 206 -17.50 -8.78 23.42
CA LYS B 206 -17.00 -9.64 22.36
C LYS B 206 -17.44 -9.15 20.98
N GLU B 207 -18.34 -8.19 20.95
CA GLU B 207 -18.80 -7.60 19.70
C GLU B 207 -17.63 -7.06 18.88
N PHE B 208 -16.55 -6.72 19.56
CA PHE B 208 -15.42 -6.08 18.90
C PHE B 208 -14.45 -7.12 18.34
N SER B 209 -14.84 -8.38 18.41
CA SER B 209 -14.18 -9.45 17.66
C SER B 209 -14.92 -9.82 16.39
N SER B 210 -16.00 -9.08 16.11
CA SER B 210 -16.75 -9.26 14.87
C SER B 210 -16.30 -8.29 13.79
N GLU B 211 -15.98 -8.83 12.61
CA GLU B 211 -15.51 -8.01 11.50
C GLU B 211 -16.54 -6.95 11.10
N ALA B 212 -17.81 -7.32 11.10
CA ALA B 212 -18.88 -6.41 10.69
C ALA B 212 -19.00 -5.23 11.65
N ARG B 213 -18.93 -5.51 12.95
CA ARG B 213 -19.00 -4.48 13.96
C ARG B 213 -17.86 -3.48 13.82
N VAL B 214 -16.65 -4.00 13.59
CA VAL B 214 -15.48 -3.15 13.47
C VAL B 214 -15.48 -2.37 12.17
N ARG B 215 -15.94 -3.00 11.09
CA ARG B 215 -16.05 -2.31 9.81
C ARG B 215 -16.99 -1.13 9.91
N ASP B 216 -18.15 -1.33 10.52
CA ASP B 216 -19.16 -0.28 10.64
C ASP B 216 -18.65 0.91 11.43
N VAL B 217 -17.89 0.65 12.49
CA VAL B 217 -17.25 1.71 13.27
C VAL B 217 -16.25 2.50 12.42
N VAL B 218 -15.32 1.78 11.79
CA VAL B 218 -14.17 2.41 11.16
C VAL B 218 -14.55 3.10 9.85
N THR B 219 -15.62 2.63 9.22
CA THR B 219 -16.08 3.20 7.96
C THR B 219 -16.45 4.67 8.11
N LYS B 220 -16.86 5.05 9.32
CA LYS B 220 -17.34 6.41 9.56
C LYS B 220 -16.21 7.44 9.45
N TYR B 221 -14.96 6.99 9.58
CA TYR B 221 -13.84 7.92 9.61
C TYR B 221 -12.59 7.45 8.86
N SER B 222 -12.67 6.32 8.18
CA SER B 222 -11.50 5.76 7.51
C SER B 222 -10.96 6.72 6.44
N ASN B 223 -11.84 7.50 5.85
CA ASN B 223 -11.42 8.51 4.87
C ASN B 223 -10.49 9.56 5.46
N PHE B 224 -10.50 9.70 6.79
CA PHE B 224 -9.65 10.68 7.45
C PHE B 224 -8.37 10.08 8.02
N VAL B 225 -8.15 8.79 7.78
CA VAL B 225 -6.96 8.12 8.27
C VAL B 225 -5.81 8.23 7.26
N SER B 226 -4.68 8.76 7.71
CA SER B 226 -3.68 9.34 6.82
C SER B 226 -2.80 8.29 6.15
N PHE B 227 -2.90 7.05 6.63
CA PHE B 227 -2.09 5.95 6.11
C PHE B 227 -2.99 4.80 5.69
N PRO B 228 -2.48 3.88 4.85
CA PRO B 228 -3.28 2.74 4.46
C PRO B 228 -3.79 1.96 5.67
N LEU B 229 -5.08 1.70 5.69
CA LEU B 229 -5.73 1.03 6.81
C LEU B 229 -6.38 -0.25 6.33
N TYR B 230 -6.02 -1.36 6.96
CA TYR B 230 -6.55 -2.67 6.57
C TYR B 230 -7.36 -3.27 7.72
N LEU B 231 -8.47 -3.91 7.38
CA LEU B 231 -9.23 -4.71 8.32
C LEU B 231 -9.33 -6.15 7.84
N ASN B 232 -8.70 -7.06 8.58
CA ASN B 232 -8.59 -8.45 8.15
C ASN B 232 -8.15 -8.58 6.69
N GLY B 233 -7.13 -7.82 6.32
CA GLY B 233 -6.52 -7.95 5.01
C GLY B 233 -7.19 -7.13 3.93
N ARG B 234 -8.31 -6.51 4.27
CA ARG B 234 -9.07 -5.71 3.31
C ARG B 234 -8.81 -4.21 3.48
N ARG B 235 -8.51 -3.53 2.39
CA ARG B 235 -8.18 -2.11 2.43
C ARG B 235 -9.42 -1.26 2.65
N MET B 236 -9.34 -0.34 3.61
CA MET B 236 -10.51 0.41 4.06
C MET B 236 -10.55 1.84 3.53
N ASN B 237 -9.40 2.36 3.11
CA ASN B 237 -9.33 3.75 2.66
C ASN B 237 -8.55 3.93 1.36
N THR B 238 -8.74 5.08 0.72
CA THR B 238 -7.86 5.48 -0.38
C THR B 238 -6.49 5.92 0.15
#